data_8BW5
#
_entry.id   8BW5
#
_cell.length_a   68.060
_cell.length_b   75.490
_cell.length_c   114.310
_cell.angle_alpha   90.00
_cell.angle_beta   90.00
_cell.angle_gamma   90.00
#
_symmetry.space_group_name_H-M   'P 21 2 21'
#
loop_
_entity.id
_entity.type
_entity.pdbx_description
1 polymer 'Thrombin light chain'
2 polymer 'Thrombin heavy chain'
3 polymer M08s-1_41mer
4 branched 'N-acetyl-alpha-neuraminic acid-(2-6)-beta-D-galactopyranose-(1-4)-2-acetamido-2-deoxy-beta-D-glucopyranose-(1-2)-alpha-D-mannopyranose-(1-6)-[alpha-D-mannopyranose-(1-3)]beta-D-mannopyranose-(1-4)-2-acetamido-2-deoxy-beta-D-glucopyranose-(1-4)-2-acetamido-2-deoxy-beta-D-glucopyranose'
5 non-polymer D-phenylalanyl-N-[(2S,3S)-6-{[amino(iminio)methyl]amino}-1-chloro-2-hydroxyhexan-3-yl]-L-prolinamide
6 non-polymer 'SODIUM ION'
7 water water
#
loop_
_entity_poly.entity_id
_entity_poly.type
_entity_poly.pdbx_seq_one_letter_code
_entity_poly.pdbx_strand_id
1 'polypeptide(L)' TFGSGEADCGLRPLFEKKSLEDKTERELLESYIDGR L
2 'polypeptide(L)'
;IVEGSDAEIGMSPWQVMLFRKSPQELLCGASLISDRWVLTAAHCLLYPPWDKNFTENDLLVRIGKHSRTRYERNIEKISM
LEKIYIHPRYNWRENLDRDIALMKLKKPVAFSDYIHPVCLPDRETAASLLQAGYKGRVTGWGNLKETWTANVGKGQPSVL
QVVNLPIVERPVCKDSTRIRITDNMFCAGYKPDEGKRGDACEGDSGGPFVMKSPFNNRWYQMGIVSWGEGCDRDGKYGFY
THVFRLKKWIQKVIDQFGE
;
H
3 'polydeoxyribonucleotide'
;(DG)(DG)(DT)(DC)(DA)(DG)(DA)(DT)(DG)(DA)(DT)(DG)(DG)(DG)(DG)(DA)(DT)(DG)(DG)(DG)
(DG)(DG)(DG)(DT)(DT)(DG)(DG)(DA)(DG)(DG)(DA)(DA)(DT)(DG)(DG)(DA)(DT)(DG)(DA)(DC)
(DC)
;
F
#
loop_
_chem_comp.id
_chem_comp.type
_chem_comp.name
_chem_comp.formula
0G6 peptide-like D-phenylalanyl-N-[(2S,3S)-6-{[amino(iminio)methyl]amino}-1-chloro-2-hydroxyhexan-3-yl]-L-prolinamide 'C21 H34 Cl N6 O3 1'
BMA D-saccharide, beta linking beta-D-mannopyranose 'C6 H12 O6'
DA DNA linking 2'-DEOXYADENOSINE-5'-MONOPHOSPHATE 'C10 H14 N5 O6 P'
DC DNA linking 2'-DEOXYCYTIDINE-5'-MONOPHOSPHATE 'C9 H14 N3 O7 P'
DG DNA linking 2'-DEOXYGUANOSINE-5'-MONOPHOSPHATE 'C10 H14 N5 O7 P'
DT DNA linking THYMIDINE-5'-MONOPHOSPHATE 'C10 H15 N2 O8 P'
GAL D-saccharide, beta linking beta-D-galactopyranose 'C6 H12 O6'
MAN D-saccharide, alpha linking alpha-D-mannopyranose 'C6 H12 O6'
NA non-polymer 'SODIUM ION' 'Na 1'
NAG D-saccharide, beta linking 2-acetamido-2-deoxy-beta-D-glucopyranose 'C8 H15 N O6'
SIA D-saccharide, alpha linking 'N-acetyl-alpha-neuraminic acid' 'C11 H19 N O9'
#
# COMPACT_ATOMS: atom_id res chain seq x y z
N SER A 4 -0.54 -16.82 13.96
CA SER A 4 0.12 -15.77 13.13
C SER A 4 0.85 -14.79 14.04
N GLY A 5 2.12 -14.50 13.69
CA GLY A 5 2.95 -13.59 14.48
C GLY A 5 2.59 -12.12 14.23
N GLU A 6 1.59 -11.62 14.98
CA GLU A 6 1.08 -10.26 14.82
C GLU A 6 1.41 -9.42 16.05
N ALA A 7 2.21 -9.97 16.97
CA ALA A 7 2.53 -9.27 18.19
C ALA A 7 3.82 -8.47 18.01
N ASP A 8 4.51 -8.71 16.90
CA ASP A 8 5.81 -8.09 16.69
C ASP A 8 5.80 -7.25 15.40
N CYS A 9 4.59 -6.94 14.90
CA CYS A 9 4.42 -6.24 13.65
C CYS A 9 5.05 -4.84 13.72
N GLY A 10 5.30 -4.25 12.55
CA GLY A 10 5.64 -2.83 12.46
C GLY A 10 7.08 -2.56 12.84
N LEU A 11 7.82 -3.61 13.20
CA LEU A 11 9.21 -3.47 13.61
C LEU A 11 10.09 -4.19 12.60
N ARG A 12 11.00 -3.43 11.96
CA ARG A 12 11.73 -3.94 10.81
C ARG A 12 13.04 -4.58 11.26
N PRO A 13 13.27 -5.87 10.89
CA PRO A 13 14.49 -6.57 11.25
C PRO A 13 15.78 -5.80 11.00
N LEU A 14 15.78 -4.96 9.96
CA LEU A 14 16.99 -4.29 9.53
C LEU A 14 17.01 -2.84 10.02
N PHE A 15 15.95 -2.41 10.73
CA PHE A 15 15.85 -1.02 11.11
C PHE A 15 15.63 -0.89 12.62
N GLU A 16 14.36 -1.02 13.07
CA GLU A 16 14.01 -0.87 14.47
C GLU A 16 14.80 -1.88 15.31
N LYS A 17 14.78 -3.14 14.88
CA LYS A 17 15.43 -4.25 15.58
C LYS A 17 16.94 -4.08 15.64
N LYS A 18 17.47 -3.00 15.08
CA LYS A 18 18.91 -2.74 15.13
C LYS A 18 19.19 -1.30 15.52
N SER A 19 18.12 -0.57 15.88
CA SER A 19 18.19 0.84 16.22
C SER A 19 18.92 1.62 15.12
N LEU A 20 18.59 1.30 13.87
CA LEU A 20 19.01 2.06 12.69
C LEU A 20 17.78 2.71 12.06
N GLU A 21 17.99 3.87 11.42
CA GLU A 21 16.92 4.59 10.74
C GLU A 21 17.14 4.52 9.23
N ASP A 22 16.03 4.60 8.46
CA ASP A 22 16.12 4.70 7.02
C ASP A 22 16.35 6.17 6.63
N LYS A 23 16.80 6.39 5.39
CA LYS A 23 17.46 7.64 5.05
C LYS A 23 16.45 8.78 4.92
N THR A 24 15.15 8.49 5.07
CA THR A 24 14.12 9.52 4.96
C THR A 24 13.07 9.38 6.06
N GLU A 25 13.44 8.66 7.13
CA GLU A 25 12.49 8.31 8.19
C GLU A 25 12.11 9.55 8.99
N ARG A 26 13.12 10.34 9.40
CA ARG A 26 12.96 11.51 10.24
C ARG A 26 11.96 12.50 9.63
N GLU A 27 11.88 12.47 8.29
CA GLU A 27 11.03 13.36 7.51
C GLU A 27 9.57 13.22 7.96
N LEU A 28 9.18 11.97 8.28
CA LEU A 28 7.84 11.63 8.74
C LEU A 28 7.65 12.11 10.18
N LEU A 29 8.63 11.79 11.04
CA LEU A 29 8.60 12.17 12.45
C LEU A 29 8.45 13.68 12.57
N GLU A 30 9.22 14.42 11.77
CA GLU A 30 9.23 15.88 11.79
C GLU A 30 7.91 16.44 11.28
N SER A 31 7.18 15.65 10.49
CA SER A 31 5.88 16.08 10.02
C SER A 31 4.88 16.15 11.18
N TYR A 32 5.14 15.34 12.23
CA TYR A 32 4.20 15.16 13.32
C TYR A 32 4.24 16.32 14.31
N ILE A 33 5.23 17.22 14.14
CA ILE A 33 5.52 18.31 15.06
C ILE A 33 4.37 19.32 15.14
N ASP A 34 3.58 19.45 14.08
CA ASP A 34 2.38 20.28 14.12
C ASP A 34 1.14 19.47 13.76
N ILE B 1 5.24 4.52 -8.76
CA ILE B 1 5.53 5.72 -7.93
C ILE B 1 6.20 6.78 -8.81
N VAL B 2 5.60 7.97 -8.84
CA VAL B 2 6.15 9.11 -9.58
C VAL B 2 6.94 9.98 -8.60
N GLU B 3 8.14 10.38 -9.02
CA GLU B 3 9.02 11.26 -8.26
C GLU B 3 9.44 10.60 -6.95
N GLY B 4 9.56 9.28 -6.98
CA GLY B 4 9.94 8.55 -5.78
C GLY B 4 11.46 8.48 -5.64
N SER B 5 11.92 7.36 -5.07
CA SER B 5 13.33 7.04 -4.92
C SER B 5 13.44 5.56 -4.61
N ASP B 6 14.64 4.99 -4.84
CA ASP B 6 14.85 3.56 -4.71
C ASP B 6 14.83 3.17 -3.24
N ALA B 7 14.04 2.14 -2.91
CA ALA B 7 13.91 1.63 -1.55
C ALA B 7 15.25 1.08 -1.06
N GLU B 8 15.53 1.27 0.24
CA GLU B 8 16.66 0.61 0.88
C GLU B 8 16.29 -0.85 1.13
N ILE B 9 17.29 -1.75 1.11
CA ILE B 9 17.02 -3.17 1.25
C ILE B 9 16.31 -3.41 2.59
N GLY B 10 15.04 -3.83 2.49
CA GLY B 10 14.20 -4.18 3.62
C GLY B 10 13.71 -2.98 4.44
N MET B 11 13.36 -1.87 3.77
CA MET B 11 12.73 -0.77 4.49
C MET B 11 11.20 -0.84 4.35
N SER B 12 10.70 -1.78 3.55
CA SER B 12 9.29 -2.18 3.53
C SER B 12 9.16 -3.71 3.45
N PRO B 13 9.37 -4.46 4.55
CA PRO B 13 9.34 -5.92 4.51
C PRO B 13 7.94 -6.50 4.34
N TRP B 14 6.93 -5.64 4.50
CA TRP B 14 5.53 -6.04 4.39
C TRP B 14 5.03 -5.84 2.97
N GLN B 15 5.92 -5.32 2.10
CA GLN B 15 5.59 -5.07 0.70
C GLN B 15 5.37 -6.42 0.03
N VAL B 16 4.17 -6.59 -0.54
CA VAL B 16 3.81 -7.81 -1.23
C VAL B 16 3.45 -7.46 -2.65
N MET B 17 3.92 -8.29 -3.60
CA MET B 17 3.75 -8.07 -5.02
C MET B 17 2.75 -9.09 -5.55
N LEU B 18 1.65 -8.60 -6.13
CA LEU B 18 0.61 -9.47 -6.65
C LEU B 18 0.85 -9.69 -8.15
N PHE B 19 0.85 -10.97 -8.55
CA PHE B 19 1.40 -11.38 -9.83
C PHE B 19 0.41 -12.31 -10.53
N ARG B 20 0.27 -12.14 -11.85
CA ARG B 20 -0.59 -12.98 -12.68
C ARG B 20 0.23 -14.18 -13.16
N LYS B 21 -0.34 -15.38 -13.01
CA LYS B 21 0.37 -16.62 -13.29
C LYS B 21 0.67 -16.77 -14.78
N SER B 22 -0.37 -16.55 -15.61
CA SER B 22 -0.23 -16.71 -17.05
C SER B 22 -1.24 -15.79 -17.77
N PRO B 23 -0.77 -14.81 -18.56
CA PRO B 23 0.66 -14.56 -18.77
C PRO B 23 1.29 -13.90 -17.56
N GLN B 24 2.56 -14.24 -17.28
CA GLN B 24 3.28 -13.63 -16.19
C GLN B 24 3.26 -12.11 -16.35
N GLU B 25 2.71 -11.42 -15.34
CA GLU B 25 2.51 -9.98 -15.38
C GLU B 25 2.32 -9.50 -13.95
N LEU B 26 3.02 -8.42 -13.58
CA LEU B 26 2.79 -7.78 -12.28
C LEU B 26 1.48 -7.02 -12.39
N LEU B 27 0.60 -7.18 -11.38
CA LEU B 27 -0.72 -6.58 -11.40
C LEU B 27 -0.76 -5.39 -10.45
N CYS B 28 -0.41 -5.64 -9.19
CA CYS B 28 -0.66 -4.71 -8.11
C CYS B 28 0.34 -4.92 -6.97
N GLY B 29 0.16 -4.10 -5.94
CA GLY B 29 0.86 -4.22 -4.68
C GLY B 29 -0.07 -4.76 -3.59
N ALA B 30 0.50 -4.98 -2.42
CA ALA B 30 -0.19 -5.61 -1.33
C ALA B 30 0.68 -5.45 -0.09
N SER B 31 0.10 -5.73 1.08
CA SER B 31 0.82 -5.62 2.33
C SER B 31 0.55 -6.86 3.16
N LEU B 32 1.59 -7.29 3.87
CA LEU B 32 1.56 -8.46 4.73
C LEU B 32 1.18 -8.00 6.14
N ILE B 33 0.05 -8.50 6.65
CA ILE B 33 -0.47 -8.04 7.92
C ILE B 33 -0.34 -9.13 8.98
N SER B 34 0.06 -10.31 8.53
CA SER B 34 0.05 -11.55 9.31
C SER B 34 1.03 -12.52 8.65
N ASP B 35 1.13 -13.76 9.14
CA ASP B 35 1.94 -14.74 8.43
C ASP B 35 1.10 -15.44 7.36
N ARG B 36 -0.22 -15.24 7.42
CA ARG B 36 -1.14 -16.01 6.60
C ARG B 36 -2.09 -15.08 5.85
N TRP B 37 -1.95 -13.76 6.09
CA TRP B 37 -2.89 -12.78 5.56
C TRP B 37 -2.18 -11.67 4.79
N VAL B 38 -2.81 -11.25 3.67
CA VAL B 38 -2.32 -10.21 2.80
C VAL B 38 -3.47 -9.28 2.39
N LEU B 39 -3.17 -7.98 2.37
CA LEU B 39 -4.17 -6.94 2.20
C LEU B 39 -3.90 -6.19 0.90
N THR B 40 -4.95 -5.98 0.10
CA THR B 40 -4.80 -5.26 -1.16
C THR B 40 -6.07 -4.45 -1.47
N ALA B 41 -6.01 -3.72 -2.59
CA ALA B 41 -7.15 -3.01 -3.12
C ALA B 41 -8.06 -3.98 -3.87
N ALA B 42 -9.37 -3.79 -3.74
CA ALA B 42 -10.35 -4.68 -4.35
C ALA B 42 -10.21 -4.69 -5.88
N HIS B 43 -9.89 -3.54 -6.48
CA HIS B 43 -9.94 -3.33 -7.92
C HIS B 43 -8.83 -4.08 -8.65
N CYS B 44 -7.82 -4.54 -7.90
CA CYS B 44 -6.79 -5.41 -8.47
C CYS B 44 -7.36 -6.80 -8.76
N LEU B 45 -8.48 -7.15 -8.11
CA LEU B 45 -9.02 -8.49 -8.20
C LEU B 45 -10.35 -8.44 -8.94
N LEU B 46 -11.12 -7.38 -8.74
CA LEU B 46 -12.45 -7.29 -9.30
C LEU B 46 -12.73 -5.87 -9.77
N TYR B 47 -12.70 -5.67 -11.08
CA TYR B 47 -13.17 -4.43 -11.67
C TYR B 47 -13.90 -4.75 -12.98
N PRO B 48 -15.22 -5.10 -12.91
CA PRO B 48 -16.00 -5.45 -14.10
C PRO B 48 -15.89 -4.47 -15.27
N PRO B 49 -15.97 -3.13 -15.07
CA PRO B 49 -15.84 -2.17 -16.17
C PRO B 49 -14.63 -2.38 -17.09
N TRP B 50 -13.64 -3.15 -16.62
CA TRP B 50 -12.44 -3.48 -17.38
C TRP B 50 -12.31 -4.98 -17.58
N ASP B 51 -13.45 -5.68 -17.43
CA ASP B 51 -13.54 -7.13 -17.58
C ASP B 51 -12.42 -7.80 -16.78
N LYS B 52 -12.26 -7.37 -15.52
CA LYS B 52 -11.24 -7.89 -14.62
C LYS B 52 -11.93 -8.57 -13.45
N ASN B 53 -11.64 -9.86 -13.23
CA ASN B 53 -12.31 -10.64 -12.21
C ASN B 53 -11.58 -11.97 -11.97
N PHE B 54 -10.58 -11.93 -11.06
CA PHE B 54 -9.61 -13.00 -10.90
C PHE B 54 -10.06 -14.04 -9.88
N THR B 55 -9.25 -15.11 -9.74
CA THR B 55 -9.50 -16.26 -8.87
C THR B 55 -8.18 -16.64 -8.20
N GLU B 56 -8.29 -17.35 -7.06
CA GLU B 56 -7.16 -17.69 -6.20
C GLU B 56 -6.03 -18.32 -7.03
N ASN B 57 -6.39 -19.22 -7.95
CA ASN B 57 -5.42 -19.97 -8.72
C ASN B 57 -5.13 -19.29 -10.06
N ASP B 58 -5.46 -17.98 -10.15
CA ASP B 58 -5.09 -17.14 -11.27
C ASP B 58 -3.82 -16.36 -10.93
N LEU B 59 -3.57 -16.21 -9.62
CA LEU B 59 -2.63 -15.23 -9.09
C LEU B 59 -1.58 -15.92 -8.22
N LEU B 60 -0.39 -15.29 -8.16
CA LEU B 60 0.66 -15.64 -7.22
C LEU B 60 0.91 -14.43 -6.32
N VAL B 61 1.68 -14.64 -5.25
CA VAL B 61 2.02 -13.60 -4.30
C VAL B 61 3.50 -13.73 -3.97
N ARG B 62 4.28 -12.70 -4.32
CA ARG B 62 5.71 -12.70 -4.12
C ARG B 62 6.07 -11.73 -3.00
N ILE B 63 6.79 -12.24 -2.00
CA ILE B 63 7.06 -11.50 -0.78
C ILE B 63 8.57 -11.38 -0.61
N GLY B 64 9.00 -10.23 -0.07
CA GLY B 64 10.39 -9.98 0.28
C GLY B 64 11.22 -9.56 -0.92
N LYS B 65 10.59 -8.84 -1.86
CA LYS B 65 11.23 -8.51 -3.12
C LYS B 65 11.83 -7.10 -3.09
N HIS B 66 12.83 -6.88 -3.95
CA HIS B 66 13.40 -5.56 -4.19
C HIS B 66 13.39 -5.31 -5.70
N SER B 67 14.16 -6.13 -6.42
CA SER B 67 14.16 -6.15 -7.87
C SER B 67 12.74 -6.45 -8.36
N ARG B 68 12.34 -5.79 -9.46
CA ARG B 68 10.95 -5.74 -9.84
C ARG B 68 10.47 -7.07 -10.41
N THR B 69 11.28 -7.71 -11.27
CA THR B 69 10.77 -8.82 -12.06
C THR B 69 11.55 -10.12 -11.82
N ARG B 70 12.88 -10.04 -11.74
CA ARG B 70 13.66 -11.27 -11.70
C ARG B 70 13.52 -11.94 -10.34
N TYR B 71 13.63 -13.28 -10.36
CA TYR B 71 13.49 -14.08 -9.16
C TYR B 71 14.73 -13.86 -8.29
N GLU B 72 14.51 -13.27 -7.11
CA GLU B 72 15.58 -13.01 -6.16
C GLU B 72 15.79 -14.23 -5.28
N ARG B 73 16.70 -15.09 -5.75
CA ARG B 73 17.05 -16.39 -5.17
C ARG B 73 17.46 -16.20 -3.71
N ASN B 74 16.89 -17.05 -2.83
CA ASN B 74 17.24 -17.12 -1.43
C ASN B 74 16.73 -15.91 -0.65
N ILE B 75 15.85 -15.11 -1.28
CA ILE B 75 15.29 -13.94 -0.61
C ILE B 75 13.75 -14.00 -0.68
N GLU B 76 13.19 -14.14 -1.87
CA GLU B 76 11.75 -13.97 -2.02
C GLU B 76 11.02 -15.30 -1.80
N LYS B 77 9.87 -15.20 -1.13
CA LYS B 77 8.98 -16.33 -1.00
C LYS B 77 7.77 -16.09 -1.88
N ILE B 78 7.37 -17.12 -2.63
CA ILE B 78 6.20 -17.05 -3.46
C ILE B 78 5.12 -17.94 -2.82
N SER B 79 4.00 -17.32 -2.46
CA SER B 79 2.89 -18.04 -1.87
C SER B 79 1.71 -18.08 -2.83
N MET B 80 0.87 -19.10 -2.65
CA MET B 80 -0.35 -19.25 -3.43
C MET B 80 -1.52 -18.83 -2.56
N LEU B 81 -2.68 -18.60 -3.19
CA LEU B 81 -3.85 -18.09 -2.49
C LEU B 81 -4.79 -19.24 -2.15
N GLU B 82 -5.26 -19.23 -0.89
CA GLU B 82 -6.23 -20.20 -0.43
C GLU B 82 -7.63 -19.64 -0.62
N LYS B 83 -7.77 -18.31 -0.49
CA LYS B 83 -9.08 -17.67 -0.49
C LYS B 83 -8.91 -16.15 -0.61
N ILE B 84 -9.73 -15.55 -1.48
CA ILE B 84 -9.81 -14.12 -1.71
C ILE B 84 -11.10 -13.60 -1.10
N TYR B 85 -11.01 -12.53 -0.29
CA TYR B 85 -12.19 -11.95 0.32
C TYR B 85 -12.27 -10.47 -0.03
N ILE B 86 -13.31 -10.09 -0.78
CA ILE B 86 -13.55 -8.72 -1.19
C ILE B 86 -14.62 -8.12 -0.28
N HIS B 87 -14.41 -6.87 0.17
CA HIS B 87 -15.43 -6.20 0.96
C HIS B 87 -16.75 -6.28 0.23
N PRO B 88 -17.82 -6.83 0.85
CA PRO B 88 -19.12 -6.98 0.19
C PRO B 88 -19.86 -5.68 -0.07
N ARG B 89 -19.26 -4.55 0.29
CA ARG B 89 -19.86 -3.27 -0.06
C ARG B 89 -18.87 -2.39 -0.82
N TYR B 90 -17.90 -3.07 -1.46
CA TYR B 90 -17.01 -2.49 -2.45
C TYR B 90 -17.83 -2.08 -3.66
N ASN B 91 -17.70 -0.81 -4.05
CA ASN B 91 -18.56 -0.22 -5.05
C ASN B 91 -17.73 0.10 -6.30
N TRP B 92 -17.70 -0.85 -7.24
CA TRP B 92 -16.91 -0.75 -8.44
C TRP B 92 -17.66 0.01 -9.53
N ARG B 93 -18.98 0.18 -9.31
CA ARG B 93 -19.84 0.84 -10.26
C ARG B 93 -19.55 2.34 -10.31
N GLU B 94 -19.04 2.90 -9.20
CA GLU B 94 -19.09 4.34 -9.06
C GLU B 94 -17.72 4.95 -8.74
N ASN B 95 -17.22 4.73 -7.51
CA ASN B 95 -16.04 5.49 -7.10
C ASN B 95 -15.10 4.65 -6.24
N LEU B 96 -15.07 3.33 -6.46
CA LEU B 96 -14.15 2.44 -5.79
C LEU B 96 -14.23 2.64 -4.28
N ASP B 97 -15.44 2.95 -3.78
CA ASP B 97 -15.63 3.04 -2.34
C ASP B 97 -15.37 1.66 -1.73
N ARG B 98 -14.60 1.65 -0.63
CA ARG B 98 -14.25 0.42 0.08
C ARG B 98 -13.41 -0.49 -0.82
N ASP B 99 -12.37 0.10 -1.42
CA ASP B 99 -11.41 -0.59 -2.26
C ASP B 99 -10.49 -1.41 -1.37
N ILE B 100 -10.97 -2.60 -0.96
CA ILE B 100 -10.24 -3.39 0.03
C ILE B 100 -10.56 -4.87 -0.16
N ALA B 101 -9.50 -5.68 -0.02
CA ALA B 101 -9.60 -7.11 -0.19
C ALA B 101 -8.54 -7.77 0.68
N LEU B 102 -8.88 -8.95 1.19
CA LEU B 102 -7.97 -9.74 2.00
C LEU B 102 -7.64 -11.01 1.23
N MET B 103 -6.44 -11.53 1.45
CA MET B 103 -6.03 -12.71 0.72
C MET B 103 -5.35 -13.66 1.70
N LYS B 104 -5.87 -14.88 1.80
CA LYS B 104 -5.33 -15.86 2.72
C LYS B 104 -4.38 -16.75 1.95
N LEU B 105 -3.16 -16.90 2.49
CA LEU B 105 -2.16 -17.79 1.92
C LEU B 105 -2.47 -19.23 2.31
N LYS B 106 -2.07 -20.18 1.45
CA LYS B 106 -2.25 -21.58 1.75
C LYS B 106 -1.40 -21.96 2.96
N LYS B 107 -0.09 -21.71 2.87
CA LYS B 107 0.82 -21.88 3.98
C LYS B 107 1.14 -20.52 4.58
N PRO B 108 1.42 -20.44 5.90
CA PRO B 108 2.05 -19.25 6.48
C PRO B 108 3.40 -19.02 5.80
N VAL B 109 3.92 -17.81 5.91
CA VAL B 109 5.19 -17.49 5.29
C VAL B 109 6.23 -17.29 6.40
N ALA B 110 7.42 -17.88 6.21
CA ALA B 110 8.52 -17.69 7.14
C ALA B 110 8.95 -16.23 7.07
N PHE B 111 9.03 -15.56 8.24
CA PHE B 111 9.54 -14.21 8.33
C PHE B 111 11.05 -14.23 8.19
N SER B 112 11.63 -13.09 7.78
CA SER B 112 13.06 -12.93 7.60
C SER B 112 13.41 -11.45 7.71
N ASP B 113 14.61 -11.08 7.22
CA ASP B 113 15.06 -9.70 7.20
C ASP B 113 14.25 -8.90 6.19
N TYR B 114 13.68 -9.64 5.22
CA TYR B 114 13.08 -9.05 4.04
C TYR B 114 11.56 -9.20 4.09
N ILE B 115 11.09 -10.10 4.97
CA ILE B 115 9.68 -10.40 5.13
C ILE B 115 9.31 -10.16 6.59
N HIS B 116 8.34 -9.27 6.82
CA HIS B 116 7.86 -8.93 8.15
C HIS B 116 6.56 -8.14 8.04
N PRO B 117 5.49 -8.47 8.81
CA PRO B 117 4.19 -7.82 8.65
C PRO B 117 4.10 -6.43 9.29
N VAL B 118 3.18 -5.62 8.75
CA VAL B 118 2.92 -4.26 9.23
C VAL B 118 1.76 -4.32 10.22
N CYS B 119 1.65 -3.30 11.08
CA CYS B 119 0.57 -3.26 12.04
C CYS B 119 -0.65 -2.61 11.42
N LEU B 120 -1.83 -3.13 11.76
CA LEU B 120 -3.07 -2.40 11.55
C LEU B 120 -3.23 -1.43 12.72
N PRO B 121 -3.81 -0.23 12.50
CA PRO B 121 -3.96 0.75 13.57
C PRO B 121 -5.25 0.58 14.36
N ASP B 122 -5.19 0.96 15.65
CA ASP B 122 -6.36 0.98 16.52
C ASP B 122 -6.99 2.37 16.47
N ARG B 123 -8.06 2.56 17.25
CA ARG B 123 -8.83 3.80 17.25
C ARG B 123 -7.91 4.99 17.53
N GLU B 124 -7.04 4.84 18.54
CA GLU B 124 -6.20 5.93 19.04
C GLU B 124 -5.10 6.27 18.03
N THR B 125 -4.45 5.24 17.48
CA THR B 125 -3.37 5.46 16.53
C THR B 125 -3.88 6.20 15.30
N ALA B 126 -5.10 5.82 14.86
CA ALA B 126 -5.76 6.48 13.75
C ALA B 126 -6.00 7.95 14.08
N ALA B 127 -6.66 8.22 15.21
CA ALA B 127 -6.98 9.58 15.65
C ALA B 127 -5.69 10.40 15.72
N SER B 128 -4.67 9.77 16.31
CA SER B 128 -3.39 10.37 16.61
C SER B 128 -2.59 10.70 15.35
N LEU B 129 -2.68 9.86 14.31
CA LEU B 129 -1.74 9.96 13.21
C LEU B 129 -2.39 10.48 11.93
N LEU B 130 -3.70 10.29 11.77
CA LEU B 130 -4.35 10.73 10.55
C LEU B 130 -4.78 12.19 10.65
N GLN B 131 -3.80 13.09 10.48
CA GLN B 131 -4.10 14.51 10.52
C GLN B 131 -3.41 15.24 9.36
N ALA B 132 -4.17 16.17 8.76
CA ALA B 132 -3.75 17.00 7.66
C ALA B 132 -2.35 17.54 7.95
N GLY B 133 -1.40 17.23 7.06
CA GLY B 133 -0.05 17.74 7.17
C GLY B 133 0.94 16.65 7.60
N TYR B 134 0.43 15.63 8.31
CA TYR B 134 1.25 14.52 8.73
C TYR B 134 1.62 13.67 7.52
N LYS B 135 2.92 13.33 7.43
CA LYS B 135 3.44 12.59 6.29
C LYS B 135 3.37 11.09 6.54
N GLY B 136 2.83 10.39 5.54
CA GLY B 136 2.94 8.94 5.44
C GLY B 136 3.81 8.55 4.25
N ARG B 137 3.93 7.24 4.03
CA ARG B 137 4.83 6.72 3.01
C ARG B 137 4.10 5.70 2.12
N VAL B 138 4.29 5.85 0.80
CA VAL B 138 3.74 4.95 -0.20
C VAL B 138 4.91 4.24 -0.89
N THR B 139 4.64 3.08 -1.47
CA THR B 139 5.66 2.24 -2.08
C THR B 139 5.04 1.31 -3.12
N GLY B 140 5.82 0.99 -4.16
CA GLY B 140 5.35 0.11 -5.22
C GLY B 140 6.32 -0.02 -6.40
N TRP B 141 5.95 -0.88 -7.34
CA TRP B 141 6.67 -1.03 -8.61
C TRP B 141 5.79 -0.52 -9.75
N GLY B 142 4.85 0.37 -9.44
CA GLY B 142 4.01 0.99 -10.45
C GLY B 142 4.78 1.94 -11.37
N ASN B 143 4.04 2.73 -12.13
CA ASN B 143 4.62 3.52 -13.21
C ASN B 143 5.36 4.72 -12.66
N LEU B 144 6.38 5.16 -13.40
CA LEU B 144 7.19 6.32 -13.06
C LEU B 144 6.58 7.58 -13.70
N LYS B 145 5.65 7.39 -14.64
CA LYS B 145 5.03 8.48 -15.39
C LYS B 145 3.66 8.01 -15.88
N GLU B 146 2.87 8.94 -16.43
CA GLU B 146 1.69 8.54 -17.19
C GLU B 146 2.19 7.86 -18.46
N THR B 147 1.83 6.59 -18.65
CA THR B 147 2.40 5.83 -19.75
C THR B 147 1.38 5.71 -20.88
N TRP B 148 0.14 6.10 -20.58
CA TRP B 148 -0.95 6.05 -21.56
C TRP B 148 -0.80 7.20 -22.56
N THR B 149 0.01 8.20 -22.18
CA THR B 149 0.29 9.29 -23.09
C THR B 149 1.77 9.26 -23.47
N ALA B 150 2.09 9.88 -24.61
CA ALA B 150 3.46 9.94 -25.10
C ALA B 150 4.30 10.74 -24.11
N ASN B 151 5.38 10.12 -23.62
CA ASN B 151 6.28 10.73 -22.67
C ASN B 151 7.65 10.09 -22.82
N VAL B 152 8.64 10.64 -22.11
CA VAL B 152 10.00 10.11 -22.13
C VAL B 152 10.47 9.86 -20.71
N GLY B 153 11.52 9.04 -20.58
CA GLY B 153 11.88 8.37 -19.33
C GLY B 153 11.20 7.01 -19.26
N LYS B 154 11.79 6.08 -18.51
CA LYS B 154 11.32 4.69 -18.45
C LYS B 154 9.89 4.64 -17.94
N GLY B 155 9.21 3.51 -18.21
CA GLY B 155 7.83 3.30 -17.80
C GLY B 155 7.71 2.73 -16.40
N GLN B 156 8.49 1.68 -16.12
CA GLN B 156 8.46 1.00 -14.82
C GLN B 156 9.86 1.02 -14.21
N PRO B 157 9.98 1.01 -12.87
CA PRO B 157 11.29 1.03 -12.20
C PRO B 157 11.85 -0.38 -12.15
N SER B 158 13.12 -0.52 -11.76
CA SER B 158 13.72 -1.84 -11.72
C SER B 158 13.87 -2.33 -10.28
N VAL B 159 13.64 -1.43 -9.31
CA VAL B 159 13.55 -1.79 -7.90
C VAL B 159 12.39 -1.03 -7.26
N LEU B 160 11.97 -1.49 -6.07
CA LEU B 160 10.87 -0.92 -5.32
C LEU B 160 11.08 0.59 -5.13
N GLN B 161 9.99 1.36 -5.28
CA GLN B 161 10.04 2.81 -5.17
C GLN B 161 9.36 3.25 -3.87
N VAL B 162 9.88 4.35 -3.32
CA VAL B 162 9.39 4.92 -2.06
C VAL B 162 9.20 6.41 -2.26
N VAL B 163 8.10 6.94 -1.73
CA VAL B 163 7.91 8.37 -1.61
C VAL B 163 7.09 8.65 -0.34
N ASN B 164 7.41 9.74 0.35
CA ASN B 164 6.67 10.17 1.52
C ASN B 164 5.80 11.35 1.13
N LEU B 165 4.55 11.38 1.61
CA LEU B 165 3.57 12.36 1.16
C LEU B 165 2.68 12.80 2.32
N PRO B 166 2.34 14.10 2.42
CA PRO B 166 1.45 14.59 3.47
C PRO B 166 -0.03 14.36 3.20
N ILE B 167 -0.75 13.94 4.24
CA ILE B 167 -2.20 13.87 4.23
C ILE B 167 -2.74 15.27 3.96
N VAL B 168 -3.95 15.34 3.39
CA VAL B 168 -4.53 16.57 2.90
C VAL B 168 -5.93 16.70 3.49
N GLU B 169 -6.30 17.92 3.92
CA GLU B 169 -7.60 18.16 4.52
C GLU B 169 -8.71 17.74 3.58
N ARG B 170 -9.77 17.13 4.15
CA ARG B 170 -10.88 16.60 3.38
C ARG B 170 -11.54 17.66 2.50
N PRO B 171 -11.66 18.95 2.92
CA PRO B 171 -12.15 20.00 2.02
C PRO B 171 -11.36 20.15 0.72
N VAL B 172 -10.04 19.94 0.79
CA VAL B 172 -9.17 20.02 -0.39
C VAL B 172 -9.42 18.82 -1.29
N CYS B 173 -9.27 17.59 -0.76
CA CYS B 173 -9.58 16.39 -1.53
C CYS B 173 -10.90 16.58 -2.25
N LYS B 174 -11.94 16.90 -1.48
CA LYS B 174 -13.33 16.97 -1.93
C LYS B 174 -13.40 17.59 -3.32
N ASP B 175 -12.68 18.69 -3.51
CA ASP B 175 -12.92 19.53 -4.68
C ASP B 175 -11.69 19.61 -5.57
N SER B 176 -10.74 18.70 -5.39
CA SER B 176 -9.62 18.55 -6.32
C SER B 176 -10.02 17.62 -7.45
N THR B 177 -11.22 17.02 -7.29
CA THR B 177 -11.77 16.02 -8.19
C THR B 177 -13.27 16.26 -8.33
N ARG B 178 -13.88 15.62 -9.33
CA ARG B 178 -15.31 15.68 -9.52
C ARG B 178 -15.91 14.30 -9.24
N ILE B 179 -15.05 13.39 -8.77
CA ILE B 179 -15.46 12.08 -8.30
C ILE B 179 -15.87 12.21 -6.83
N ARG B 180 -17.02 11.62 -6.48
CA ARG B 180 -17.51 11.68 -5.12
C ARG B 180 -16.50 10.98 -4.21
N ILE B 181 -16.06 11.70 -3.18
CA ILE B 181 -15.19 11.15 -2.16
C ILE B 181 -16.07 10.46 -1.10
N THR B 182 -15.42 9.78 -0.16
CA THR B 182 -16.09 9.01 0.88
C THR B 182 -15.25 9.12 2.15
N ASP B 183 -15.88 8.81 3.29
CA ASP B 183 -15.18 8.74 4.57
C ASP B 183 -14.25 7.52 4.59
N ASN B 184 -14.47 6.59 3.65
CA ASN B 184 -13.72 5.35 3.56
C ASN B 184 -12.46 5.52 2.72
N MET B 185 -12.09 6.78 2.43
CA MET B 185 -10.88 7.09 1.68
C MET B 185 -10.28 8.41 2.17
N PHE B 186 -8.95 8.53 2.05
CA PHE B 186 -8.27 9.80 2.27
C PHE B 186 -7.34 10.12 1.10
N CYS B 187 -7.04 11.40 0.91
CA CYS B 187 -6.15 11.81 -0.16
C CYS B 187 -4.84 12.34 0.43
N ALA B 188 -3.77 12.24 -0.34
CA ALA B 188 -2.43 12.57 0.14
C ALA B 188 -1.54 13.05 -1.00
N GLY B 189 -0.56 13.89 -0.68
CA GLY B 189 0.35 14.48 -1.64
C GLY B 189 0.46 15.99 -1.51
N TYR B 190 1.60 16.54 -1.95
CA TYR B 190 1.92 17.96 -1.81
C TYR B 190 0.97 18.81 -2.65
N LYS B 191 0.61 19.97 -2.10
CA LYS B 191 -0.14 20.99 -2.81
C LYS B 191 0.80 21.70 -3.79
N PRO B 192 0.28 22.43 -4.79
CA PRO B 192 1.14 22.94 -5.88
C PRO B 192 2.22 23.90 -5.39
N ASP B 193 1.83 24.80 -4.46
CA ASP B 193 2.72 25.86 -3.98
C ASP B 193 3.75 25.30 -3.00
N GLU B 194 3.56 24.05 -2.54
CA GLU B 194 4.46 23.45 -1.56
C GLU B 194 5.77 23.03 -2.21
N GLY B 195 5.83 23.16 -3.54
CA GLY B 195 7.05 22.97 -4.31
C GLY B 195 7.77 21.66 -3.99
N LYS B 196 7.02 20.57 -3.98
CA LYS B 196 7.52 19.21 -3.87
C LYS B 196 6.55 18.27 -4.59
N ARG B 197 7.09 17.18 -5.13
CA ARG B 197 6.30 16.33 -6.00
C ARG B 197 6.17 14.93 -5.40
N GLY B 198 5.23 14.15 -5.92
CA GLY B 198 5.18 12.72 -5.63
C GLY B 198 3.77 12.15 -5.68
N ASP B 199 3.66 10.90 -6.13
CA ASP B 199 2.38 10.23 -6.21
C ASP B 199 2.59 8.73 -6.41
N ALA B 200 1.56 7.97 -6.03
CA ALA B 200 1.33 6.63 -6.55
C ALA B 200 0.82 6.75 -7.98
N CYS B 201 1.21 5.81 -8.83
CA CYS B 201 0.72 5.81 -10.19
C CYS B 201 -0.01 4.48 -10.41
N GLU B 202 -0.37 4.18 -11.67
CA GLU B 202 -0.94 2.90 -12.00
C GLU B 202 0.07 1.79 -11.66
N GLY B 203 -0.44 0.67 -11.15
CA GLY B 203 0.38 -0.49 -10.80
C GLY B 203 0.81 -0.46 -9.33
N ASP B 204 0.49 0.64 -8.63
CA ASP B 204 0.89 0.79 -7.24
C ASP B 204 -0.24 0.42 -6.29
N SER B 205 -1.44 0.19 -6.85
CA SER B 205 -2.64 -0.11 -6.08
C SER B 205 -2.43 -1.32 -5.17
N GLY B 206 -3.08 -1.28 -4.00
CA GLY B 206 -2.91 -2.31 -2.99
C GLY B 206 -1.68 -2.04 -2.11
N GLY B 207 -0.75 -1.22 -2.63
CA GLY B 207 0.41 -0.80 -1.87
C GLY B 207 0.00 -0.12 -0.58
N PRO B 208 0.82 -0.21 0.50
CA PRO B 208 0.47 0.37 1.79
C PRO B 208 0.85 1.85 1.89
N PHE B 209 -0.08 2.65 2.44
CA PHE B 209 0.27 3.96 2.97
C PHE B 209 0.53 3.81 4.45
N VAL B 210 1.82 3.78 4.82
CA VAL B 210 2.20 3.48 6.19
C VAL B 210 2.70 4.74 6.89
N MET B 211 2.55 4.77 8.21
CA MET B 211 3.07 5.83 9.04
C MET B 211 3.74 5.21 10.25
N LYS B 212 4.74 5.92 10.80
CA LYS B 212 5.49 5.42 11.94
C LYS B 212 5.14 6.23 13.18
N SER B 213 4.57 5.55 14.18
CA SER B 213 4.16 6.13 15.45
C SER B 213 5.39 6.51 16.28
N PRO B 214 5.47 7.76 16.80
CA PRO B 214 6.63 8.21 17.57
C PRO B 214 6.55 7.78 19.03
N PHE B 215 5.44 7.10 19.37
CA PHE B 215 5.21 6.59 20.72
C PHE B 215 5.83 5.20 20.86
N ASN B 216 5.27 4.20 20.17
CA ASN B 216 5.71 2.83 20.30
C ASN B 216 6.75 2.45 19.23
N ASN B 217 6.96 3.36 18.26
CA ASN B 217 8.07 3.24 17.32
C ASN B 217 7.77 2.15 16.28
N ARG B 218 6.48 1.87 16.05
CA ARG B 218 6.05 0.82 15.13
C ARG B 218 5.43 1.45 13.90
N TRP B 219 5.50 0.72 12.78
CA TRP B 219 4.97 1.15 11.50
C TRP B 219 3.55 0.61 11.33
N TYR B 220 2.63 1.52 11.00
CA TYR B 220 1.23 1.18 10.88
C TYR B 220 0.76 1.44 9.46
N GLN B 221 -0.04 0.52 8.93
CA GLN B 221 -0.65 0.74 7.62
C GLN B 221 -1.95 1.51 7.79
N MET B 222 -1.98 2.72 7.25
CA MET B 222 -3.12 3.62 7.41
C MET B 222 -4.00 3.60 6.16
N GLY B 223 -3.38 3.37 5.00
CA GLY B 223 -4.10 3.41 3.75
C GLY B 223 -3.67 2.32 2.76
N ILE B 224 -4.50 2.13 1.73
CA ILE B 224 -4.21 1.28 0.59
C ILE B 224 -4.26 2.18 -0.64
N VAL B 225 -3.23 2.10 -1.50
CA VAL B 225 -3.25 2.86 -2.75
C VAL B 225 -4.50 2.46 -3.53
N SER B 226 -5.40 3.41 -3.74
CA SER B 226 -6.68 3.12 -4.35
C SER B 226 -6.74 3.70 -5.76
N TRP B 227 -6.94 5.02 -5.86
CA TRP B 227 -7.09 5.66 -7.17
C TRP B 227 -6.44 7.04 -7.23
N GLY B 228 -6.50 7.64 -8.43
CA GLY B 228 -6.00 8.97 -8.73
C GLY B 228 -6.46 9.40 -10.12
N GLU B 229 -6.05 10.59 -10.55
CA GLU B 229 -6.39 11.10 -11.87
C GLU B 229 -5.13 11.63 -12.52
N GLY B 230 -4.59 10.87 -13.47
CA GLY B 230 -3.22 11.09 -13.90
C GLY B 230 -2.28 10.83 -12.72
N CYS B 231 -1.00 11.10 -12.93
CA CYS B 231 0.01 10.88 -11.91
C CYS B 231 0.79 12.18 -11.72
N ASP B 232 0.77 12.69 -10.50
CA ASP B 232 1.66 13.78 -10.09
C ASP B 232 1.28 15.07 -10.79
N ARG B 233 -0.01 15.20 -11.15
CA ARG B 233 -0.54 16.41 -11.75
C ARG B 233 -0.83 17.44 -10.66
N ASP B 234 -0.60 18.73 -10.97
CA ASP B 234 -0.75 19.80 -10.01
C ASP B 234 -2.22 19.99 -9.66
N GLY B 235 -2.51 20.06 -8.35
CA GLY B 235 -3.86 20.21 -7.86
C GLY B 235 -4.60 18.88 -7.79
N LYS B 236 -3.87 17.80 -8.11
CA LYS B 236 -4.36 16.44 -8.03
C LYS B 236 -3.72 15.75 -6.83
N TYR B 237 -4.49 14.89 -6.16
CA TYR B 237 -4.03 14.21 -4.96
C TYR B 237 -4.32 12.71 -5.08
N GLY B 238 -3.39 11.87 -4.61
CA GLY B 238 -3.61 10.44 -4.57
C GLY B 238 -4.69 10.07 -3.54
N PHE B 239 -5.52 9.07 -3.86
CA PHE B 239 -6.58 8.64 -2.95
C PHE B 239 -6.32 7.24 -2.43
N TYR B 240 -6.49 7.07 -1.11
CA TYR B 240 -6.15 5.84 -0.43
C TYR B 240 -7.37 5.32 0.31
N THR B 241 -7.54 3.99 0.31
CA THR B 241 -8.54 3.35 1.16
C THR B 241 -8.17 3.63 2.62
N HIS B 242 -9.19 3.95 3.43
CA HIS B 242 -9.02 4.26 4.84
C HIS B 242 -9.05 2.97 5.65
N VAL B 243 -7.86 2.44 5.99
CA VAL B 243 -7.75 1.13 6.61
C VAL B 243 -8.54 1.07 7.92
N PHE B 244 -8.39 2.10 8.76
CA PHE B 244 -9.00 2.04 10.08
C PHE B 244 -10.53 2.04 10.00
N ARG B 245 -11.11 2.84 9.10
CA ARG B 245 -12.56 2.89 8.97
C ARG B 245 -13.09 1.52 8.52
N LEU B 246 -12.19 0.60 8.15
CA LEU B 246 -12.61 -0.70 7.67
C LEU B 246 -12.01 -1.83 8.52
N LYS B 247 -11.52 -1.51 9.72
CA LYS B 247 -10.86 -2.49 10.56
C LYS B 247 -11.85 -3.53 11.08
N LYS B 248 -13.09 -3.10 11.38
CA LYS B 248 -14.10 -4.00 11.89
C LYS B 248 -14.29 -5.19 10.94
N TRP B 249 -14.44 -4.90 9.64
CA TRP B 249 -14.51 -5.92 8.60
C TRP B 249 -13.23 -6.75 8.52
N ILE B 250 -12.07 -6.08 8.55
CA ILE B 250 -10.81 -6.80 8.47
C ILE B 250 -10.74 -7.84 9.59
N GLN B 251 -10.93 -7.36 10.84
CA GLN B 251 -10.83 -8.21 12.02
C GLN B 251 -11.84 -9.36 11.92
N LYS B 252 -13.00 -9.07 11.33
CA LYS B 252 -14.09 -10.03 11.26
C LYS B 252 -13.74 -11.20 10.35
N VAL B 253 -12.94 -10.96 9.29
CA VAL B 253 -12.54 -12.08 8.43
C VAL B 253 -11.30 -12.77 9.00
N ILE B 254 -10.28 -11.98 9.40
CA ILE B 254 -9.02 -12.53 9.89
C ILE B 254 -9.26 -13.51 11.04
N ASP B 255 -10.15 -13.14 11.97
CA ASP B 255 -10.33 -13.92 13.19
C ASP B 255 -11.54 -14.84 13.10
N GLN B 256 -12.06 -15.05 11.88
CA GLN B 256 -13.31 -15.77 11.72
C GLN B 256 -13.10 -17.24 12.05
N PHE B 257 -11.95 -17.79 11.65
CA PHE B 257 -11.68 -19.21 11.77
C PHE B 257 -10.41 -19.44 12.59
N GLY B 258 -10.42 -20.53 13.36
CA GLY B 258 -9.28 -20.92 14.18
C GLY B 258 -8.14 -21.43 13.30
N GLU B 259 -7.01 -20.72 13.38
CA GLU B 259 -5.85 -20.97 12.53
C GLU B 259 -5.21 -22.31 12.91
C1 NAG D . -16.67 -12.79 -11.04
C2 NAG D . -18.14 -12.36 -11.09
C3 NAG D . -18.97 -13.35 -10.28
C4 NAG D . -18.76 -14.78 -10.79
C5 NAG D . -17.26 -15.12 -10.77
C6 NAG D . -16.96 -16.44 -11.43
C7 NAG D . -18.78 -10.06 -11.58
C8 NAG D . -19.89 -9.16 -11.13
N2 NAG D . -18.38 -10.99 -10.71
O3 NAG D . -20.35 -13.00 -10.33
O4 NAG D . -19.48 -15.67 -9.94
O5 NAG D . -16.52 -14.12 -11.50
O6 NAG D . -15.56 -16.70 -11.48
O7 NAG D . -18.29 -9.97 -12.69
C1 NAG D . -19.94 -16.81 -10.67
C2 NAG D . -20.14 -17.94 -9.66
C3 NAG D . -21.11 -18.97 -10.24
C4 NAG D . -22.48 -18.33 -10.43
C5 NAG D . -22.37 -16.89 -10.94
C6 NAG D . -22.67 -15.86 -9.88
C7 NAG D . -18.47 -18.32 -7.96
C8 NAG D . -17.03 -18.65 -7.68
N2 NAG D . -18.90 -18.54 -9.20
O3 NAG D . -21.17 -20.08 -9.36
O4 NAG D . -23.23 -19.09 -11.40
O5 NAG D . -21.08 -16.59 -11.51
O6 NAG D . -23.69 -14.97 -10.33
O7 NAG D . -19.21 -17.86 -7.09
C1 BMA D . -24.22 -19.91 -10.77
C2 BMA D . -25.25 -20.30 -11.81
C3 BMA D . -26.29 -21.27 -11.27
C4 BMA D . -25.65 -22.43 -10.49
C5 BMA D . -24.60 -21.91 -9.49
C6 BMA D . -23.80 -23.00 -8.81
O2 BMA D . -24.60 -20.86 -12.95
O3 BMA D . -27.06 -21.76 -12.38
O4 BMA D . -26.65 -23.14 -9.78
O5 BMA D . -23.65 -21.08 -10.18
O6 BMA D . -22.66 -22.44 -8.11
C1 MAN D . -21.84 -23.40 -7.43
C2 MAN D . -20.84 -22.64 -6.56
C3 MAN D . -19.48 -22.61 -7.24
C4 MAN D . -18.93 -24.02 -7.29
C5 MAN D . -19.93 -24.98 -7.97
C6 MAN D . -20.27 -26.20 -7.14
O2 MAN D . -20.74 -23.20 -5.25
O3 MAN D . -18.60 -21.76 -6.53
O4 MAN D . -17.69 -24.05 -8.00
O5 MAN D . -21.19 -24.31 -8.37
O6 MAN D . -21.47 -26.82 -7.57
C1 NAG D . -21.28 -22.37 -4.20
C2 NAG D . -21.27 -23.08 -2.83
C3 NAG D . -20.55 -22.29 -1.73
C4 NAG D . -20.74 -20.77 -1.76
C5 NAG D . -21.36 -20.30 -3.07
C6 NAG D . -21.16 -18.82 -3.36
C7 NAG D . -23.77 -23.16 -2.77
C8 NAG D . -24.47 -22.17 -1.90
N2 NAG D . -22.56 -23.56 -2.36
O3 NAG D . -19.18 -22.65 -1.69
O4 NAG D . -21.54 -20.32 -0.66
O5 NAG D . -20.77 -21.05 -4.14
O6 NAG D . -19.77 -18.48 -3.33
O7 NAG D . -24.29 -23.60 -3.80
C1 GAL D . -20.75 -19.90 0.48
C2 GAL D . -21.19 -18.56 1.09
C3 GAL D . -20.60 -18.29 2.48
C4 GAL D . -20.71 -19.52 3.37
C5 GAL D . -20.08 -20.71 2.65
C6 GAL D . -20.09 -21.98 3.45
O2 GAL D . -20.83 -17.48 0.23
O3 GAL D . -21.26 -17.18 3.10
O4 GAL D . -22.08 -19.80 3.64
O5 GAL D . -20.80 -20.97 1.44
O6 GAL D . -20.11 -23.13 2.59
C1 SIA D . -20.75 -24.92 3.90
C2 SIA D . -20.73 -24.41 2.45
C3 SIA D . -19.76 -25.19 1.60
C4 SIA D . -20.22 -26.63 1.47
C5 SIA D . -21.68 -26.72 1.00
C6 SIA D . -22.62 -25.78 1.78
C7 SIA D . -23.97 -25.61 1.10
C8 SIA D . -25.03 -24.87 1.94
C9 SIA D . -26.28 -25.69 2.17
C10 SIA D . -21.72 -29.12 0.39
C11 SIA D . -21.00 -30.24 1.11
N5 SIA D . -22.13 -28.11 1.16
O1A SIA D . -21.80 -24.99 4.51
O1B SIA D . -19.70 -25.24 4.43
O4 SIA D . -19.37 -27.32 0.55
O6 SIA D . -22.04 -24.45 1.86
O7 SIA D . -23.82 -24.90 -0.13
O8 SIA D . -24.48 -24.47 3.19
O9 SIA D . -27.44 -25.02 1.69
O10 SIA D . -21.91 -29.14 -0.82
C1 MAN D . -28.51 -21.54 -12.31
C2 MAN D . -28.90 -20.08 -12.09
C3 MAN D . -30.41 -19.86 -12.07
C4 MAN D . -31.16 -21.12 -11.65
C5 MAN D . -30.30 -21.93 -10.69
C6 MAN D . -31.02 -23.12 -10.09
O2 MAN D . -28.25 -19.25 -13.05
O3 MAN D . -30.87 -19.41 -13.35
O4 MAN D . -32.40 -20.78 -11.03
O5 MAN D . -29.16 -22.46 -11.41
O6 MAN D . -31.50 -24.01 -11.11
N 0G6 E . -7.49 6.79 -13.16
CA 0G6 E . -8.75 6.24 -12.55
C 0G6 E . -8.36 5.30 -11.43
O 0G6 E . -7.70 5.73 -10.49
CB 0G6 E . -9.77 7.27 -12.01
CG 0G6 E . -11.04 6.62 -11.50
CD1 0G6 E . -11.91 5.99 -12.37
CD2 0G6 E . -11.36 6.64 -10.15
CE1 0G6 E . -13.07 5.37 -11.91
CE2 0G6 E . -12.52 6.03 -9.68
CZ 0G6 E . -13.38 5.41 -10.57
N1 0G6 E . -8.79 4.04 -11.46
CA1 0G6 E . -8.23 3.04 -10.55
C1 0G6 E . -6.72 2.91 -10.70
O1 0G6 E . -6.20 3.06 -11.81
CB1 0G6 E . -8.94 1.73 -10.95
CG1 0G6 E . -9.54 2.01 -12.31
CD 0G6 E . -9.86 3.46 -12.31
N2 0G6 E . -6.04 2.60 -9.60
CA2 0G6 E . -4.61 2.27 -9.63
C2 0G6 E . -4.31 0.84 -9.09
O2 0G6 E . -3.08 0.37 -9.67
CB2 0G6 E . -3.81 3.34 -8.90
CG2 0G6 E . -4.12 4.75 -9.35
CD3 0G6 E . -3.35 5.67 -8.44
NE 0G6 E . -3.11 6.98 -9.03
CZ1 0G6 E . -2.68 8.02 -8.34
NH1 0G6 E . -2.43 9.16 -8.96
NH2 0G6 E . -2.47 7.92 -7.04
C3 0G6 E . -5.41 -0.15 -9.39
NA NA F . -0.09 16.05 -7.36
NA NA G . 23.38 -14.32 -11.00
#